data_8YZO
#
_entry.id   8YZO
#
_cell.length_a   81.754
_cell.length_b   104.593
_cell.length_c   62.030
_cell.angle_alpha   90.000
_cell.angle_beta   90.000
_cell.angle_gamma   90.000
#
_symmetry.space_group_name_H-M   'P 21 21 2'
#
loop_
_entity.id
_entity.type
_entity.pdbx_description
1 polymer Lipase
2 water water
#
_entity_poly.entity_id   1
_entity_poly.type   'polypeptide(L)'
_entity_poly.pdbx_seq_one_letter_code
;EMATVKTTHRTIAGWDGTPLGAFVIEPQDAGGGRYPLLVMPSSWAVPSVEYVGVAQSLAQRGYVVISYSSRGFWESGGSI
DIAGPSTVEDVSALIDWALDNTRADPDRIGVSGISYGAGTSLLAAARDPRIKAVAALSGWADLQASLYSNDTPSAQGIAL
LVAAGLVTGRPGAELATINRNVLAGNYQGAVDSLLPVAAQRSPAASIDEINANQPAVFLANAFNDSLFPPGQLVDFFNRL
KGPKQLQMRHGDHALNEALGALGIPNEVYDQVGDWFDHYLKAVANGIDRQPAVQLKSQKGSWSSYPDWQATSKGAVSYGL
TAPSGLLLPTGGLAEHGGGTGWNYRIGSGLLTAANSGVAMASGALQMINLPPGAYVPFVGRSAAGVWQGPIQWSAKRLDG
APEVRLTVTPSRANTTLYAYLYAEDVLGNGQLISHKPYTLRGATPGQAKTLDLRLEASSWNLPAGSRLTLVVDTVDLRYA
GISQLGGAVTFTSPANAPSVLKVPLH
;
_entity_poly.pdbx_strand_id   A
#
# COMPACT_ATOMS: atom_id res chain seq x y z
N GLU A 1 -3.69 13.99 33.13
CA GLU A 1 -2.41 13.23 33.07
C GLU A 1 -2.70 11.81 32.57
N MET A 2 -1.63 11.08 32.23
CA MET A 2 -1.79 9.77 31.65
C MET A 2 -2.31 8.79 32.71
N ALA A 3 -3.19 7.87 32.29
CA ALA A 3 -3.70 6.81 33.14
C ALA A 3 -2.58 5.83 33.50
N THR A 4 -2.56 5.37 34.76
CA THR A 4 -1.77 4.20 35.11
C THR A 4 -2.53 2.98 34.60
N VAL A 5 -1.83 2.04 33.95
CA VAL A 5 -2.58 0.92 33.41
C VAL A 5 -2.05 -0.41 33.94
N LYS A 6 -2.97 -1.36 34.05
CA LYS A 6 -2.65 -2.72 34.42
C LYS A 6 -2.74 -3.59 33.18
N THR A 7 -1.75 -4.44 32.98
CA THR A 7 -1.77 -5.36 31.85
C THR A 7 -1.90 -6.77 32.38
N THR A 8 -2.89 -7.51 31.87
CA THR A 8 -3.09 -8.89 32.23
C THR A 8 -3.13 -9.75 30.98
N HIS A 9 -2.42 -10.86 31.03
CA HIS A 9 -2.46 -11.76 29.89
C HIS A 9 -3.59 -12.72 30.13
N ARG A 10 -4.38 -12.98 29.09
CA ARG A 10 -5.29 -14.09 29.22
C ARG A 10 -5.69 -14.66 27.89
N THR A 11 -6.39 -15.80 27.93
N THR A 11 -6.47 -15.76 27.92
CA THR A 11 -6.93 -16.39 26.73
CA THR A 11 -6.92 -16.34 26.68
C THR A 11 -8.39 -15.94 26.66
C THR A 11 -8.42 -16.08 26.58
N ILE A 12 -8.82 -15.51 25.46
CA ILE A 12 -10.19 -15.08 25.25
C ILE A 12 -10.71 -15.91 24.09
N ALA A 13 -11.90 -16.51 24.28
CA ALA A 13 -12.43 -17.35 23.21
C ALA A 13 -12.85 -16.49 22.02
N GLY A 14 -12.50 -16.95 20.83
CA GLY A 14 -13.02 -16.39 19.60
C GLY A 14 -14.47 -16.79 19.36
N TRP A 15 -14.96 -16.52 18.17
CA TRP A 15 -16.41 -16.64 17.91
C TRP A 15 -16.90 -18.08 18.01
N ASP A 16 -16.00 -19.03 17.68
CA ASP A 16 -16.24 -20.46 17.64
C ASP A 16 -15.55 -21.18 18.80
N GLY A 17 -15.11 -20.44 19.81
CA GLY A 17 -14.46 -21.01 20.99
C GLY A 17 -12.94 -21.14 20.86
N THR A 18 -12.37 -20.78 19.70
CA THR A 18 -10.92 -20.88 19.52
C THR A 18 -10.23 -19.94 20.49
N PRO A 19 -9.29 -20.42 21.34
CA PRO A 19 -8.65 -19.57 22.32
C PRO A 19 -7.66 -18.61 21.69
N LEU A 20 -7.82 -17.29 21.97
CA LEU A 20 -6.91 -16.28 21.48
C LEU A 20 -6.10 -15.68 22.62
N GLY A 21 -4.78 -15.62 22.43
CA GLY A 21 -3.87 -14.99 23.39
C GLY A 21 -4.01 -13.47 23.34
N ALA A 22 -4.34 -12.89 24.49
CA ALA A 22 -4.65 -11.47 24.57
C ALA A 22 -3.97 -10.84 25.78
N PHE A 23 -3.58 -9.59 25.61
CA PHE A 23 -3.23 -8.71 26.71
C PHE A 23 -4.34 -7.70 26.90
N VAL A 24 -4.95 -7.72 28.09
CA VAL A 24 -6.03 -6.84 28.44
C VAL A 24 -5.41 -5.72 29.26
N ILE A 25 -5.58 -4.49 28.76
CA ILE A 25 -4.88 -3.35 29.32
C ILE A 25 -5.93 -2.38 29.83
N GLU A 26 -5.91 -2.07 31.14
CA GLU A 26 -7.04 -1.42 31.75
C GLU A 26 -6.54 -0.25 32.60
N PRO A 27 -7.06 0.98 32.40
CA PRO A 27 -6.76 2.09 33.31
C PRO A 27 -7.16 1.77 34.74
N GLN A 28 -6.40 2.34 35.68
CA GLN A 28 -6.66 2.16 37.10
C GLN A 28 -7.00 3.54 37.64
N ASP A 29 -8.26 3.77 38.04
CA ASP A 29 -8.77 5.13 38.08
C ASP A 29 -8.46 5.74 39.44
N ALA A 30 -9.35 5.60 40.45
CA ALA A 30 -10.47 4.68 40.46
C ALA A 30 -11.70 5.27 41.17
N GLY A 31 -12.58 5.94 40.41
CA GLY A 31 -13.92 6.23 40.89
C GLY A 31 -14.73 7.21 40.04
N GLY A 32 -14.83 6.98 38.72
CA GLY A 32 -14.28 5.80 38.05
C GLY A 32 -15.23 5.26 36.96
N GLY A 33 -15.75 6.16 36.11
CA GLY A 33 -16.62 5.82 34.98
C GLY A 33 -15.97 4.90 33.94
N ARG A 34 -16.70 4.64 32.86
CA ARG A 34 -16.27 3.68 31.84
C ARG A 34 -15.31 4.37 30.87
N TYR A 35 -14.48 3.59 30.19
CA TYR A 35 -13.50 4.13 29.27
C TYR A 35 -13.85 3.63 27.86
N PRO A 36 -13.53 4.41 26.82
CA PRO A 36 -13.60 3.93 25.45
C PRO A 36 -12.71 2.70 25.28
N LEU A 37 -13.16 1.81 24.38
CA LEU A 37 -12.54 0.51 24.14
C LEU A 37 -11.84 0.52 22.79
N LEU A 38 -10.59 0.01 22.77
CA LEU A 38 -9.87 -0.24 21.52
C LEU A 38 -9.53 -1.72 21.46
N VAL A 39 -9.91 -2.35 20.35
CA VAL A 39 -9.54 -3.72 20.09
C VAL A 39 -8.51 -3.74 18.96
N MET A 40 -7.36 -4.36 19.25
CA MET A 40 -6.17 -4.21 18.43
C MET A 40 -5.54 -5.54 18.11
N PRO A 41 -5.85 -6.12 16.93
CA PRO A 41 -5.19 -7.32 16.43
C PRO A 41 -3.74 -7.01 16.08
N SER A 42 -2.82 -7.75 16.70
CA SER A 42 -1.40 -7.67 16.39
C SER A 42 -1.12 -8.20 14.97
N SER A 43 0.06 -7.91 14.46
CA SER A 43 0.42 -8.31 13.10
C SER A 43 1.61 -9.24 13.12
N TRP A 44 2.31 -9.30 11.99
CA TRP A 44 3.38 -10.26 11.77
C TRP A 44 4.45 -10.15 12.86
N ALA A 45 5.03 -11.32 13.20
CA ALA A 45 6.04 -11.38 14.24
C ALA A 45 7.40 -10.99 13.67
N VAL A 46 7.61 -9.71 13.48
CA VAL A 46 8.90 -9.25 13.00
C VAL A 46 9.75 -8.94 14.23
N PRO A 47 11.01 -9.41 14.31
CA PRO A 47 11.85 -9.15 15.48
C PRO A 47 12.01 -7.67 15.80
N SER A 48 11.87 -7.34 17.09
CA SER A 48 11.99 -6.00 17.66
C SER A 48 10.66 -5.24 17.64
N VAL A 49 9.62 -5.79 17.02
CA VAL A 49 8.38 -5.03 16.89
C VAL A 49 7.50 -5.21 18.14
N GLU A 50 7.16 -4.09 18.79
CA GLU A 50 6.53 -4.12 20.11
C GLU A 50 5.03 -3.80 20.02
N TYR A 51 4.21 -4.76 19.54
CA TYR A 51 2.75 -4.49 19.39
C TYR A 51 2.10 -4.18 20.75
N VAL A 52 2.42 -4.95 21.79
CA VAL A 52 1.75 -4.73 23.06
C VAL A 52 2.18 -3.37 23.62
N GLY A 53 3.44 -3.01 23.42
CA GLY A 53 3.88 -1.70 23.88
C GLY A 53 3.08 -0.54 23.27
N VAL A 54 2.82 -0.65 21.96
CA VAL A 54 2.02 0.35 21.30
C VAL A 54 0.61 0.42 21.91
N ALA A 55 0.03 -0.76 22.14
CA ALA A 55 -1.30 -0.86 22.75
C ALA A 55 -1.32 -0.26 24.15
N GLN A 56 -0.26 -0.51 24.93
CA GLN A 56 -0.20 0.04 26.29
C GLN A 56 -0.15 1.56 26.22
N SER A 57 0.63 2.12 25.27
CA SER A 57 0.74 3.57 25.21
C SER A 57 -0.61 4.20 24.85
N LEU A 58 -1.44 3.54 24.01
CA LEU A 58 -2.79 4.04 23.77
C LEU A 58 -3.62 3.93 25.03
N ALA A 59 -3.56 2.80 25.75
CA ALA A 59 -4.37 2.60 26.94
C ALA A 59 -4.08 3.70 27.96
N GLN A 60 -2.82 4.15 27.98
CA GLN A 60 -2.45 5.21 28.91
C GLN A 60 -3.05 6.56 28.59
N ARG A 61 -3.68 6.74 27.42
CA ARG A 61 -4.43 7.96 27.14
C ARG A 61 -5.82 7.91 27.77
N GLY A 62 -6.18 6.77 28.34
CA GLY A 62 -7.49 6.54 28.95
C GLY A 62 -8.42 5.66 28.11
N TYR A 63 -7.94 4.48 27.77
CA TYR A 63 -8.71 3.51 27.01
C TYR A 63 -8.54 2.14 27.66
N VAL A 64 -9.59 1.31 27.63
CA VAL A 64 -9.41 -0.14 27.76
C VAL A 64 -8.94 -0.64 26.40
N VAL A 65 -7.86 -1.42 26.39
CA VAL A 65 -7.28 -1.92 25.14
C VAL A 65 -7.10 -3.44 25.22
N ILE A 66 -7.54 -4.14 24.16
CA ILE A 66 -7.29 -5.56 24.06
C ILE A 66 -6.32 -5.71 22.90
N SER A 67 -5.10 -6.11 23.22
CA SER A 67 -4.08 -6.38 22.23
C SER A 67 -3.98 -7.89 22.08
N TYR A 68 -4.20 -8.44 20.90
CA TYR A 68 -4.30 -9.89 20.84
C TYR A 68 -3.74 -10.47 19.57
N SER A 69 -3.40 -11.75 19.67
CA SER A 69 -2.93 -12.58 18.58
C SER A 69 -4.12 -13.30 17.92
N SER A 70 -4.26 -13.10 16.59
CA SER A 70 -5.32 -13.71 15.82
C SER A 70 -5.17 -15.25 15.76
N ARG A 71 -6.25 -15.90 15.34
CA ARG A 71 -6.27 -17.33 15.18
C ARG A 71 -5.15 -17.78 14.25
N GLY A 72 -4.48 -18.86 14.67
CA GLY A 72 -3.32 -19.35 13.95
C GLY A 72 -1.97 -18.80 14.43
N PHE A 73 -1.93 -17.60 15.04
CA PHE A 73 -0.69 -17.09 15.58
C PHE A 73 -0.17 -18.07 16.65
N TRP A 74 1.13 -18.03 16.93
CA TRP A 74 1.73 -18.94 17.91
C TRP A 74 0.93 -18.97 19.20
N GLU A 75 0.56 -17.76 19.69
CA GLU A 75 -0.06 -17.60 20.98
C GLU A 75 -1.55 -17.94 21.03
N SER A 76 -2.13 -18.42 19.93
CA SER A 76 -3.53 -18.67 19.82
C SER A 76 -3.75 -20.08 19.28
N GLY A 77 -4.96 -20.61 19.45
CA GLY A 77 -5.42 -21.78 18.71
C GLY A 77 -5.75 -21.43 17.25
N GLY A 78 -6.21 -22.42 16.50
CA GLY A 78 -6.68 -22.20 15.14
C GLY A 78 -5.58 -22.12 14.08
N SER A 79 -5.94 -21.61 12.88
CA SER A 79 -5.02 -21.49 11.75
C SER A 79 -5.15 -20.10 11.17
N ILE A 80 -4.06 -19.60 10.55
CA ILE A 80 -4.08 -18.28 9.91
C ILE A 80 -4.91 -18.36 8.64
N ASP A 81 -5.97 -17.56 8.53
CA ASP A 81 -6.86 -17.69 7.38
C ASP A 81 -6.79 -16.46 6.47
N ILE A 82 -5.78 -15.61 6.66
CA ILE A 82 -5.59 -14.40 5.86
C ILE A 82 -6.80 -13.47 6.01
N ALA A 83 -7.06 -13.06 7.25
CA ALA A 83 -8.09 -12.08 7.56
C ALA A 83 -9.40 -12.57 6.96
N GLY A 84 -9.60 -13.89 7.04
CA GLY A 84 -10.85 -14.49 6.63
C GLY A 84 -12.00 -14.21 7.60
N PRO A 85 -13.19 -14.67 7.24
CA PRO A 85 -14.41 -14.35 8.00
C PRO A 85 -14.32 -14.71 9.50
N SER A 86 -13.66 -15.82 9.84
CA SER A 86 -13.45 -16.21 11.23
C SER A 86 -12.58 -15.21 11.99
N THR A 87 -11.45 -14.86 11.40
CA THR A 87 -10.56 -13.92 12.04
C THR A 87 -11.26 -12.58 12.27
N VAL A 88 -12.09 -12.15 11.31
CA VAL A 88 -12.79 -10.89 11.43
C VAL A 88 -13.88 -10.98 12.50
N GLU A 89 -14.61 -12.09 12.50
CA GLU A 89 -15.66 -12.31 13.50
C GLU A 89 -15.09 -12.30 14.90
N ASP A 90 -13.85 -12.80 15.08
CA ASP A 90 -13.21 -12.78 16.37
C ASP A 90 -13.09 -11.35 16.95
N VAL A 91 -12.96 -10.32 16.13
CA VAL A 91 -12.90 -8.95 16.65
C VAL A 91 -14.18 -8.65 17.43
N SER A 92 -15.33 -9.04 16.88
CA SER A 92 -16.63 -8.86 17.52
C SER A 92 -16.72 -9.67 18.81
N ALA A 93 -16.22 -10.91 18.79
CA ALA A 93 -16.19 -11.73 20.01
C ALA A 93 -15.36 -11.06 21.11
N LEU A 94 -14.25 -10.42 20.75
CA LEU A 94 -13.42 -9.79 21.75
C LEU A 94 -14.03 -8.49 22.24
N ILE A 95 -14.75 -7.76 21.38
CA ILE A 95 -15.53 -6.62 21.83
C ILE A 95 -16.57 -7.09 22.87
N ASP A 96 -17.30 -8.16 22.56
CA ASP A 96 -18.31 -8.65 23.50
C ASP A 96 -17.65 -9.01 24.84
N TRP A 97 -16.52 -9.73 24.82
CA TRP A 97 -15.83 -10.10 26.04
C TRP A 97 -15.44 -8.87 26.85
N ALA A 98 -14.88 -7.87 26.15
CA ALA A 98 -14.45 -6.65 26.82
C ALA A 98 -15.61 -5.91 27.47
N LEU A 99 -16.77 -5.83 26.80
CA LEU A 99 -17.87 -5.07 27.38
C LEU A 99 -18.36 -5.74 28.66
N ASP A 100 -18.25 -7.06 28.71
CA ASP A 100 -18.74 -7.79 29.87
C ASP A 100 -17.70 -7.91 30.99
N ASN A 101 -16.41 -7.70 30.73
CA ASN A 101 -15.39 -8.03 31.71
C ASN A 101 -14.49 -6.86 32.08
N THR A 102 -14.67 -5.71 31.44
CA THR A 102 -13.83 -4.55 31.74
C THR A 102 -14.75 -3.35 31.89
N ARG A 103 -14.16 -2.22 32.26
CA ARG A 103 -14.88 -0.96 32.41
C ARG A 103 -14.96 -0.22 31.06
N ALA A 104 -15.25 -0.97 30.00
CA ALA A 104 -15.35 -0.47 28.64
C ALA A 104 -16.74 0.13 28.40
N ASP A 105 -16.79 1.24 27.67
CA ASP A 105 -18.02 1.95 27.32
C ASP A 105 -18.55 1.41 26.00
N PRO A 106 -19.71 0.74 25.98
CA PRO A 106 -20.23 0.18 24.73
C PRO A 106 -20.51 1.22 23.67
N ASP A 107 -20.63 2.49 24.03
CA ASP A 107 -20.96 3.54 23.08
C ASP A 107 -19.74 4.18 22.43
N ARG A 108 -18.52 3.72 22.79
CA ARG A 108 -17.28 4.35 22.35
C ARG A 108 -16.25 3.27 22.07
N ILE A 109 -16.42 2.57 20.94
CA ILE A 109 -15.56 1.45 20.57
C ILE A 109 -14.80 1.83 19.31
N GLY A 110 -13.50 1.53 19.32
CA GLY A 110 -12.65 1.62 18.15
C GLY A 110 -11.78 0.39 17.96
N VAL A 111 -11.24 0.27 16.74
CA VAL A 111 -10.34 -0.82 16.37
C VAL A 111 -9.15 -0.22 15.65
N SER A 112 -7.98 -0.84 15.87
CA SER A 112 -6.78 -0.40 15.19
C SER A 112 -5.85 -1.57 15.00
N GLY A 113 -5.16 -1.56 13.86
CA GLY A 113 -4.11 -2.53 13.65
C GLY A 113 -3.18 -2.10 12.52
N ILE A 114 -2.08 -2.84 12.41
CA ILE A 114 -1.10 -2.66 11.34
C ILE A 114 -1.12 -3.86 10.43
N SER A 115 -1.02 -3.66 9.10
CA SER A 115 -0.85 -4.74 8.12
C SER A 115 -1.93 -5.82 8.32
N TYR A 116 -1.60 -7.01 8.83
CA TYR A 116 -2.61 -8.04 9.03
C TYR A 116 -3.78 -7.50 9.85
N GLY A 117 -3.44 -6.76 10.92
CA GLY A 117 -4.45 -6.22 11.79
C GLY A 117 -5.21 -5.02 11.24
N ALA A 118 -4.64 -4.36 10.23
CA ALA A 118 -5.26 -3.20 9.58
C ALA A 118 -6.45 -3.65 8.71
N GLY A 119 -6.19 -4.64 7.86
CA GLY A 119 -7.20 -5.23 7.01
C GLY A 119 -8.30 -5.86 7.87
N THR A 120 -7.90 -6.56 8.93
CA THR A 120 -8.83 -7.17 9.85
C THR A 120 -9.73 -6.09 10.46
N SER A 121 -9.12 -5.00 10.91
CA SER A 121 -9.87 -3.93 11.56
C SER A 121 -10.89 -3.28 10.62
N LEU A 122 -10.50 -3.00 9.39
CA LEU A 122 -11.43 -2.39 8.43
C LEU A 122 -12.57 -3.33 8.13
N LEU A 123 -12.28 -4.62 7.95
CA LEU A 123 -13.35 -5.57 7.70
C LEU A 123 -14.28 -5.64 8.91
N ALA A 124 -13.73 -5.61 10.14
CA ALA A 124 -14.56 -5.66 11.31
C ALA A 124 -15.47 -4.43 11.34
N ALA A 125 -14.96 -3.26 10.97
CA ALA A 125 -15.80 -2.04 10.96
C ALA A 125 -16.94 -2.13 9.95
N ALA A 126 -16.77 -2.87 8.85
CA ALA A 126 -17.84 -3.14 7.90
C ALA A 126 -18.90 -4.04 8.49
N ARG A 127 -18.48 -4.99 9.34
CA ARG A 127 -19.33 -6.08 9.78
C ARG A 127 -19.92 -5.87 11.18
N ASP A 128 -19.48 -4.83 11.89
CA ASP A 128 -19.89 -4.65 13.26
C ASP A 128 -20.19 -3.16 13.44
N PRO A 129 -21.47 -2.74 13.41
CA PRO A 129 -21.81 -1.34 13.46
C PRO A 129 -21.60 -0.69 14.82
N ARG A 130 -21.21 -1.46 15.83
CA ARG A 130 -20.83 -0.87 17.11
C ARG A 130 -19.54 -0.08 17.01
N ILE A 131 -18.71 -0.38 16.02
CA ILE A 131 -17.39 0.25 15.88
C ILE A 131 -17.61 1.68 15.37
N LYS A 132 -17.07 2.65 16.13
CA LYS A 132 -17.22 4.05 15.82
C LYS A 132 -16.00 4.69 15.18
N ALA A 133 -14.84 4.05 15.29
CA ALA A 133 -13.62 4.61 14.72
C ALA A 133 -12.66 3.48 14.41
N VAL A 134 -11.90 3.65 13.31
CA VAL A 134 -10.88 2.71 12.88
C VAL A 134 -9.60 3.45 12.60
N ALA A 135 -8.47 2.89 13.01
CA ALA A 135 -7.20 3.39 12.57
C ALA A 135 -6.38 2.23 12.01
N ALA A 136 -6.19 2.25 10.68
CA ALA A 136 -5.56 1.15 9.96
C ALA A 136 -4.24 1.64 9.37
N LEU A 137 -3.16 0.99 9.77
CA LEU A 137 -1.81 1.38 9.37
C LEU A 137 -1.20 0.31 8.46
N SER A 138 -0.63 0.74 7.33
CA SER A 138 0.11 -0.17 6.44
C SER A 138 -0.76 -1.34 6.00
N GLY A 139 -2.01 -1.05 5.68
CA GLY A 139 -3.01 -2.05 5.40
C GLY A 139 -3.39 -2.08 3.92
N TRP A 140 -4.43 -2.85 3.63
CA TRP A 140 -4.95 -2.97 2.30
C TRP A 140 -6.44 -2.67 2.31
N ALA A 141 -6.93 -2.37 1.12
CA ALA A 141 -8.35 -2.34 0.81
C ALA A 141 -8.72 -3.43 -0.18
N ASP A 142 -7.84 -3.70 -1.18
CA ASP A 142 -8.14 -4.66 -2.22
C ASP A 142 -6.98 -5.64 -2.30
N LEU A 143 -7.20 -6.88 -1.87
CA LEU A 143 -6.12 -7.86 -1.85
C LEU A 143 -5.72 -8.22 -3.27
N GLN A 144 -6.67 -8.47 -4.17
CA GLN A 144 -6.33 -8.77 -5.56
C GLN A 144 -5.52 -7.64 -6.20
N ALA A 145 -5.96 -6.38 -6.01
CA ALA A 145 -5.27 -5.25 -6.59
C ALA A 145 -3.83 -5.16 -6.04
N SER A 146 -3.61 -5.62 -4.80
CA SER A 146 -2.33 -5.48 -4.13
C SER A 146 -1.33 -6.52 -4.64
N LEU A 147 -1.81 -7.75 -4.82
CA LEU A 147 -0.88 -8.84 -5.13
C LEU A 147 -0.90 -9.15 -6.63
N TYR A 148 -1.86 -8.59 -7.38
CA TYR A 148 -2.09 -8.96 -8.77
C TYR A 148 -2.55 -7.73 -9.54
N SER A 149 -1.75 -6.70 -9.42
CA SER A 149 -1.98 -5.42 -10.03
C SER A 149 -1.93 -5.50 -11.56
N ASN A 150 -2.99 -5.07 -12.25
CA ASN A 150 -3.08 -5.15 -13.69
C ASN A 150 -2.62 -6.53 -14.20
N ASP A 151 -3.12 -7.56 -13.53
CA ASP A 151 -2.93 -8.95 -13.87
C ASP A 151 -1.45 -9.36 -13.86
N THR A 152 -0.65 -8.72 -13.00
CA THR A 152 0.77 -9.02 -12.89
C THR A 152 1.02 -9.49 -11.46
N PRO A 153 1.40 -10.76 -11.21
CA PRO A 153 1.67 -11.15 -9.83
C PRO A 153 2.82 -10.42 -9.21
N SER A 154 2.54 -9.89 -8.03
CA SER A 154 3.55 -9.24 -7.20
CA SER A 154 3.61 -9.26 -7.27
C SER A 154 4.46 -10.33 -6.59
N ALA A 155 5.54 -10.74 -7.26
CA ALA A 155 6.33 -11.85 -6.74
C ALA A 155 6.90 -11.50 -5.36
N GLN A 156 7.51 -10.31 -5.23
CA GLN A 156 8.04 -9.71 -3.99
CA GLN A 156 8.10 -10.02 -3.93
C GLN A 156 7.02 -9.76 -2.86
N GLY A 157 5.85 -9.22 -3.17
CA GLY A 157 4.75 -9.08 -2.24
C GLY A 157 4.23 -10.43 -1.74
N ILE A 158 4.07 -11.35 -2.69
CA ILE A 158 3.53 -12.67 -2.37
C ILE A 158 4.54 -13.43 -1.52
N ALA A 159 5.82 -13.37 -1.92
CA ALA A 159 6.90 -14.00 -1.18
C ALA A 159 7.00 -13.48 0.25
N LEU A 160 6.81 -12.16 0.40
CA LEU A 160 6.84 -11.55 1.70
C LEU A 160 5.64 -11.96 2.54
N LEU A 161 4.44 -12.03 1.95
CA LEU A 161 3.25 -12.54 2.64
C LEU A 161 3.56 -13.94 3.22
N VAL A 162 4.15 -14.81 2.39
CA VAL A 162 4.50 -16.17 2.84
C VAL A 162 5.52 -16.13 3.97
N ALA A 163 6.59 -15.36 3.79
CA ALA A 163 7.66 -15.29 4.78
C ALA A 163 7.16 -14.73 6.11
N ALA A 164 6.31 -13.68 6.04
CA ALA A 164 5.74 -13.10 7.24
C ALA A 164 4.84 -14.09 7.95
N GLY A 165 4.03 -14.79 7.17
CA GLY A 165 3.18 -15.84 7.72
C GLY A 165 3.95 -16.93 8.48
N LEU A 166 5.08 -17.34 7.92
CA LEU A 166 5.81 -18.48 8.46
C LEU A 166 6.47 -18.15 9.79
N VAL A 167 6.79 -16.87 10.05
CA VAL A 167 7.32 -16.44 11.33
C VAL A 167 6.25 -16.09 12.36
N THR A 168 5.00 -16.02 11.94
CA THR A 168 3.90 -15.54 12.79
C THR A 168 3.03 -16.66 13.32
N GLY A 169 2.85 -17.73 12.56
CA GLY A 169 2.00 -18.83 13.02
C GLY A 169 1.81 -19.93 12.00
N ARG A 170 0.73 -20.67 12.23
CA ARG A 170 0.40 -21.90 11.56
C ARG A 170 -0.59 -21.57 10.46
N PRO A 171 -0.20 -21.80 9.19
CA PRO A 171 -1.10 -21.49 8.07
C PRO A 171 -2.29 -22.39 7.93
N GLY A 172 -3.43 -21.78 7.62
CA GLY A 172 -4.58 -22.53 7.17
C GLY A 172 -4.40 -22.95 5.72
N ALA A 173 -5.46 -23.50 5.14
CA ALA A 173 -5.35 -24.17 3.84
C ALA A 173 -4.96 -23.15 2.76
N GLU A 174 -5.56 -21.95 2.79
CA GLU A 174 -5.35 -20.93 1.76
C GLU A 174 -3.89 -20.51 1.74
N LEU A 175 -3.35 -20.17 2.92
CA LEU A 175 -1.98 -19.75 3.01
C LEU A 175 -1.01 -20.90 2.72
N ALA A 176 -1.37 -22.12 3.09
CA ALA A 176 -0.46 -23.22 2.81
C ALA A 176 -0.37 -23.47 1.29
N THR A 177 -1.49 -23.29 0.58
CA THR A 177 -1.50 -23.40 -0.88
C THR A 177 -0.63 -22.31 -1.52
N ILE A 178 -0.71 -21.08 -1.01
CA ILE A 178 0.17 -20.03 -1.48
C ILE A 178 1.62 -20.40 -1.26
N ASN A 179 1.92 -20.92 -0.06
CA ASN A 179 3.28 -21.26 0.34
C ASN A 179 3.82 -22.31 -0.65
N ARG A 180 3.01 -23.31 -1.02
CA ARG A 180 3.45 -24.40 -1.90
C ARG A 180 3.75 -23.88 -3.30
N ASN A 181 2.88 -22.97 -3.79
CA ASN A 181 3.09 -22.37 -5.10
C ASN A 181 4.36 -21.51 -5.09
N VAL A 182 4.61 -20.75 -4.02
CA VAL A 182 5.75 -19.83 -3.98
C VAL A 182 7.05 -20.62 -3.93
N LEU A 183 7.02 -21.77 -3.25
CA LEU A 183 8.22 -22.61 -3.18
C LEU A 183 8.67 -23.07 -4.58
N ALA A 184 7.74 -23.28 -5.51
CA ALA A 184 8.03 -23.71 -6.87
C ALA A 184 8.34 -22.52 -7.79
N GLY A 185 8.25 -21.27 -7.30
CA GLY A 185 8.33 -20.08 -8.18
C GLY A 185 7.03 -19.79 -8.94
N ASN A 186 5.90 -20.39 -8.54
CA ASN A 186 4.64 -20.33 -9.22
C ASN A 186 3.78 -19.22 -8.63
N TYR A 187 4.22 -17.98 -8.90
CA TYR A 187 3.48 -16.82 -8.39
C TYR A 187 2.08 -16.73 -8.98
N GLN A 188 1.91 -16.99 -10.29
CA GLN A 188 0.61 -16.99 -10.92
C GLN A 188 -0.30 -18.01 -10.27
N GLY A 189 0.27 -19.16 -9.93
CA GLY A 189 -0.54 -20.17 -9.28
C GLY A 189 -0.99 -19.77 -7.87
N ALA A 190 -0.08 -19.11 -7.14
CA ALA A 190 -0.41 -18.55 -5.84
C ALA A 190 -1.63 -17.62 -5.98
N VAL A 191 -1.58 -16.74 -6.99
CA VAL A 191 -2.66 -15.80 -7.24
C VAL A 191 -3.95 -16.52 -7.57
N ASP A 192 -3.89 -17.45 -8.51
CA ASP A 192 -5.06 -18.17 -8.94
C ASP A 192 -5.73 -18.83 -7.75
N SER A 193 -4.93 -19.33 -6.80
CA SER A 193 -5.52 -20.04 -5.68
C SER A 193 -6.31 -19.09 -4.76
N LEU A 194 -5.89 -17.82 -4.69
CA LEU A 194 -6.46 -16.87 -3.73
C LEU A 194 -7.62 -16.08 -4.34
N LEU A 195 -7.59 -15.81 -5.64
CA LEU A 195 -8.58 -14.92 -6.20
C LEU A 195 -10.01 -15.29 -5.83
N PRO A 196 -10.44 -16.57 -5.88
CA PRO A 196 -11.86 -16.87 -5.62
C PRO A 196 -12.36 -16.49 -4.22
N VAL A 197 -11.44 -16.30 -3.25
CA VAL A 197 -11.81 -15.98 -1.89
C VAL A 197 -11.18 -14.64 -1.43
N ALA A 198 -10.71 -13.81 -2.37
CA ALA A 198 -10.03 -12.57 -2.00
C ALA A 198 -11.04 -11.47 -1.67
N ALA A 199 -12.18 -11.42 -2.36
CA ALA A 199 -13.12 -10.33 -2.13
C ALA A 199 -13.63 -10.29 -0.68
N GLN A 200 -13.91 -11.47 -0.07
CA GLN A 200 -14.35 -11.49 1.30
C GLN A 200 -13.25 -11.09 2.31
N ARG A 201 -12.03 -10.95 1.81
CA ARG A 201 -10.88 -10.50 2.58
C ARG A 201 -10.50 -9.05 2.23
N SER A 202 -11.33 -8.33 1.49
CA SER A 202 -11.01 -7.03 0.97
C SER A 202 -11.99 -5.99 1.50
N PRO A 203 -11.51 -5.01 2.27
CA PRO A 203 -12.42 -3.90 2.65
C PRO A 203 -13.13 -3.22 1.48
N ALA A 204 -12.45 -3.11 0.34
CA ALA A 204 -13.04 -2.49 -0.82
C ALA A 204 -14.32 -3.15 -1.30
N ALA A 205 -14.46 -4.43 -1.05
CA ALA A 205 -15.68 -5.15 -1.42
C ALA A 205 -16.81 -4.91 -0.43
N SER A 206 -16.48 -4.31 0.72
CA SER A 206 -17.43 -3.98 1.76
C SER A 206 -17.60 -2.46 1.91
N ILE A 207 -17.33 -1.69 0.85
CA ILE A 207 -17.40 -0.23 0.90
C ILE A 207 -18.81 0.25 1.29
N ASP A 208 -19.85 -0.41 0.79
CA ASP A 208 -21.22 0.03 1.09
C ASP A 208 -21.55 -0.20 2.57
N GLU A 209 -21.03 -1.30 3.13
CA GLU A 209 -21.30 -1.68 4.51
C GLU A 209 -20.57 -0.74 5.44
N ILE A 210 -19.30 -0.43 5.12
CA ILE A 210 -18.59 0.53 5.98
C ILE A 210 -19.24 1.92 5.90
N ASN A 211 -19.69 2.32 4.71
CA ASN A 211 -20.30 3.64 4.57
C ASN A 211 -21.62 3.68 5.33
N ALA A 212 -22.37 2.58 5.33
CA ALA A 212 -23.59 2.53 6.12
C ALA A 212 -23.32 2.75 7.59
N ASN A 213 -22.25 2.11 8.12
CA ASN A 213 -21.93 2.14 9.54
C ASN A 213 -21.27 3.46 9.96
N GLN A 214 -20.69 4.19 9.00
CA GLN A 214 -20.14 5.53 9.15
C GLN A 214 -19.13 5.65 10.30
N PRO A 215 -18.20 4.69 10.53
CA PRO A 215 -17.13 4.95 11.50
C PRO A 215 -16.22 6.06 10.95
N ALA A 216 -15.47 6.68 11.86
CA ALA A 216 -14.41 7.61 11.56
C ALA A 216 -13.11 6.87 11.21
N VAL A 217 -12.71 6.90 9.94
CA VAL A 217 -11.66 6.01 9.42
C VAL A 217 -10.38 6.81 9.18
N PHE A 218 -9.33 6.42 9.89
CA PHE A 218 -7.97 6.94 9.74
C PHE A 218 -7.13 5.85 9.04
N LEU A 219 -6.48 6.25 7.97
CA LEU A 219 -5.60 5.38 7.18
C LEU A 219 -4.23 6.04 7.16
N ALA A 220 -3.20 5.24 7.39
CA ALA A 220 -1.84 5.73 7.26
C ALA A 220 -0.96 4.62 6.69
N ASN A 221 -0.46 4.85 5.49
CA ASN A 221 0.41 3.91 4.78
C ASN A 221 1.68 4.62 4.28
N ALA A 222 2.64 3.76 3.93
CA ALA A 222 3.87 4.14 3.25
C ALA A 222 3.67 4.00 1.75
N PHE A 223 4.14 5.00 0.99
CA PHE A 223 4.13 4.95 -0.45
C PHE A 223 4.87 3.69 -0.95
N ASN A 224 5.89 3.28 -0.18
CA ASN A 224 6.79 2.20 -0.58
C ASN A 224 6.50 0.92 0.22
N ASP A 225 5.25 0.75 0.67
CA ASP A 225 4.86 -0.51 1.31
C ASP A 225 5.17 -1.67 0.36
N SER A 226 5.74 -2.75 0.90
CA SER A 226 6.14 -3.90 0.10
C SER A 226 4.98 -4.80 -0.26
N LEU A 227 3.88 -4.77 0.53
CA LEU A 227 2.77 -5.71 0.31
C LEU A 227 1.64 -4.99 -0.39
N PHE A 228 1.33 -3.77 0.06
CA PHE A 228 0.07 -3.14 -0.29
C PHE A 228 0.34 -1.74 -0.85
N PRO A 229 0.36 -1.60 -2.18
CA PRO A 229 0.70 -0.34 -2.81
C PRO A 229 -0.39 0.71 -2.61
N PRO A 230 -0.05 2.00 -2.74
CA PRO A 230 -0.98 3.05 -2.38
C PRO A 230 -2.23 3.20 -3.23
N GLY A 231 -2.18 2.91 -4.52
CA GLY A 231 -3.32 3.18 -5.38
C GLY A 231 -4.63 2.56 -4.87
N GLN A 232 -4.54 1.27 -4.53
CA GLN A 232 -5.73 0.56 -4.09
C GLN A 232 -6.26 1.15 -2.78
N LEU A 233 -5.37 1.67 -1.93
CA LEU A 233 -5.84 2.27 -0.69
C LEU A 233 -6.51 3.63 -0.94
N VAL A 234 -5.90 4.43 -1.82
CA VAL A 234 -6.48 5.71 -2.21
C VAL A 234 -7.87 5.51 -2.80
N ASP A 235 -8.03 4.50 -3.66
CA ASP A 235 -9.29 4.31 -4.34
C ASP A 235 -10.42 4.04 -3.34
N PHE A 236 -10.10 3.25 -2.29
CA PHE A 236 -11.01 2.95 -1.21
C PHE A 236 -11.31 4.20 -0.37
N PHE A 237 -10.25 4.91 0.01
CA PHE A 237 -10.37 6.12 0.80
C PHE A 237 -11.30 7.11 0.12
N ASN A 238 -11.13 7.24 -1.18
CA ASN A 238 -11.91 8.19 -1.96
C ASN A 238 -13.41 7.89 -1.89
N ARG A 239 -13.79 6.64 -1.72
CA ARG A 239 -15.18 6.23 -1.74
C ARG A 239 -15.86 6.28 -0.37
N LEU A 240 -15.08 6.50 0.70
CA LEU A 240 -15.63 6.63 2.04
C LEU A 240 -16.41 7.94 2.14
N LYS A 241 -17.59 7.86 2.75
CA LYS A 241 -18.48 9.01 2.82
C LYS A 241 -18.46 9.71 4.19
N GLY A 242 -17.98 9.03 5.22
CA GLY A 242 -17.95 9.52 6.60
C GLY A 242 -16.64 10.21 6.92
N PRO A 243 -16.44 10.58 8.19
CA PRO A 243 -15.22 11.25 8.61
C PRO A 243 -14.04 10.34 8.27
N LYS A 244 -12.97 10.95 7.78
CA LYS A 244 -11.86 10.17 7.26
C LYS A 244 -10.61 11.03 7.17
N GLN A 245 -9.45 10.37 7.26
CA GLN A 245 -8.16 11.03 7.02
C GLN A 245 -7.19 9.98 6.49
N LEU A 246 -6.47 10.38 5.45
CA LEU A 246 -5.43 9.60 4.81
C LEU A 246 -4.12 10.33 4.98
N GLN A 247 -3.15 9.64 5.59
CA GLN A 247 -1.79 10.12 5.68
C GLN A 247 -0.87 9.15 4.94
N MET A 248 -0.03 9.66 4.05
CA MET A 248 0.88 8.76 3.35
C MET A 248 2.30 9.40 3.52
N ARG A 249 3.29 8.56 3.80
CA ARG A 249 4.66 8.93 4.07
C ARG A 249 5.57 8.00 3.27
N HIS A 250 6.86 8.39 3.13
CA HIS A 250 7.86 7.42 2.68
C HIS A 250 8.38 6.67 3.89
N GLY A 251 8.45 5.34 3.79
CA GLY A 251 8.90 4.57 4.93
C GLY A 251 10.41 4.52 4.99
N ASP A 252 10.98 4.49 6.21
CA ASP A 252 12.33 3.97 6.39
C ASP A 252 12.44 3.28 7.76
N HIS A 253 13.47 2.44 7.90
CA HIS A 253 13.72 1.72 9.14
C HIS A 253 14.36 2.67 10.15
N ALA A 254 13.66 2.87 11.26
CA ALA A 254 14.21 3.51 12.44
C ALA A 254 14.68 2.41 13.39
N LEU A 255 15.74 2.70 14.14
CA LEU A 255 16.20 1.77 15.14
C LEU A 255 15.67 2.24 16.49
N ASN A 256 15.49 1.27 17.40
CA ASN A 256 15.06 1.48 18.79
C ASN A 256 13.74 2.23 18.86
N GLU A 257 12.81 1.87 17.96
CA GLU A 257 11.43 2.30 18.09
C GLU A 257 10.51 1.09 18.10
N ALA A 258 9.29 1.31 18.59
CA ALA A 258 8.39 0.18 18.70
C ALA A 258 8.16 -0.45 17.32
N LEU A 259 7.99 0.39 16.28
CA LEU A 259 7.55 -0.13 15.00
C LEU A 259 8.56 0.16 13.91
N GLY A 260 9.81 0.52 14.29
CA GLY A 260 10.80 0.89 13.29
C GLY A 260 11.17 -0.22 12.30
N ALA A 261 11.10 -1.48 12.72
CA ALA A 261 11.41 -2.54 11.79
C ALA A 261 10.30 -2.77 10.75
N LEU A 262 9.12 -2.14 10.95
CA LEU A 262 8.05 -2.19 9.98
C LEU A 262 8.09 -0.95 9.08
N GLY A 263 8.99 -0.01 9.38
CA GLY A 263 9.16 1.18 8.62
C GLY A 263 8.17 2.28 9.00
N ILE A 264 7.54 2.13 10.17
CA ILE A 264 6.53 3.04 10.65
C ILE A 264 7.14 3.94 11.73
N PRO A 265 7.16 5.26 11.55
CA PRO A 265 7.70 6.13 12.60
C PRO A 265 6.74 6.35 13.77
N ASN A 266 7.30 6.74 14.92
CA ASN A 266 6.51 6.89 16.11
CA ASN A 266 6.55 6.97 16.13
C ASN A 266 5.39 7.93 15.91
N GLU A 267 5.59 8.90 15.00
CA GLU A 267 4.60 9.95 14.84
C GLU A 267 3.23 9.41 14.38
N VAL A 268 3.17 8.24 13.76
CA VAL A 268 1.90 7.74 13.24
C VAL A 268 0.92 7.43 14.38
N TYR A 269 1.35 6.66 15.35
CA TYR A 269 0.47 6.34 16.49
C TYR A 269 0.21 7.58 17.35
N ASP A 270 1.06 8.63 17.27
CA ASP A 270 0.75 9.88 17.94
C ASP A 270 -0.53 10.46 17.33
N GLN A 271 -0.61 10.44 15.99
CA GLN A 271 -1.77 10.95 15.30
C GLN A 271 -2.99 10.04 15.50
N VAL A 272 -2.81 8.71 15.50
CA VAL A 272 -3.89 7.79 15.84
C VAL A 272 -4.50 8.12 17.20
N GLY A 273 -3.65 8.39 18.19
CA GLY A 273 -4.10 8.75 19.51
C GLY A 273 -5.02 9.98 19.45
N ASP A 274 -4.61 10.99 18.69
CA ASP A 274 -5.41 12.20 18.54
C ASP A 274 -6.73 11.91 17.83
N TRP A 275 -6.69 11.03 16.83
CA TRP A 275 -7.90 10.62 16.14
C TRP A 275 -8.93 10.00 17.09
N PHE A 276 -8.52 8.97 17.81
CA PHE A 276 -9.43 8.36 18.76
C PHE A 276 -9.86 9.33 19.86
N ASP A 277 -8.96 10.18 20.34
CA ASP A 277 -9.30 11.13 21.37
C ASP A 277 -10.45 12.01 20.91
N HIS A 278 -10.39 12.49 19.66
CA HIS A 278 -11.51 13.28 19.16
C HIS A 278 -12.77 12.44 19.02
N TYR A 279 -12.71 11.34 18.24
CA TYR A 279 -13.93 10.64 17.86
C TYR A 279 -14.51 9.80 19.01
N LEU A 280 -13.71 9.31 19.97
CA LEU A 280 -14.21 8.44 21.02
C LEU A 280 -14.23 9.15 22.36
N LYS A 281 -13.41 10.21 22.56
CA LYS A 281 -13.45 10.92 23.84
C LYS A 281 -13.88 12.38 23.70
N ALA A 282 -14.34 12.78 22.51
CA ALA A 282 -14.79 14.13 22.24
C ALA A 282 -13.79 15.21 22.62
N VAL A 283 -12.49 14.93 22.59
CA VAL A 283 -11.48 15.93 22.80
C VAL A 283 -11.48 16.94 21.66
N ALA A 284 -11.51 18.24 21.99
CA ALA A 284 -11.59 19.30 20.98
C ALA A 284 -10.18 19.66 20.49
N ASN A 285 -9.49 18.69 19.83
CA ASN A 285 -8.12 18.88 19.43
C ASN A 285 -7.99 19.29 17.96
N GLY A 286 -9.11 19.53 17.29
CA GLY A 286 -9.11 20.07 15.94
C GLY A 286 -8.91 19.03 14.85
N ILE A 287 -8.85 17.75 15.21
CA ILE A 287 -8.56 16.77 14.17
C ILE A 287 -9.72 16.69 13.15
N ASP A 288 -10.93 17.02 13.57
CA ASP A 288 -12.12 17.16 12.76
C ASP A 288 -11.98 18.26 11.69
N ARG A 289 -11.16 19.28 11.93
CA ARG A 289 -10.97 20.37 10.98
C ARG A 289 -9.77 20.16 10.05
N GLN A 290 -8.96 19.11 10.29
CA GLN A 290 -7.75 18.91 9.52
C GLN A 290 -8.11 18.42 8.11
N PRO A 291 -7.24 18.72 7.11
CA PRO A 291 -7.48 18.27 5.74
C PRO A 291 -7.48 16.74 5.71
N ALA A 292 -8.36 16.19 4.88
CA ALA A 292 -8.56 14.75 4.76
C ALA A 292 -7.38 14.04 4.10
N VAL A 293 -6.58 14.75 3.31
CA VAL A 293 -5.41 14.16 2.64
C VAL A 293 -4.14 14.86 3.09
N GLN A 294 -3.21 14.10 3.67
CA GLN A 294 -1.98 14.64 4.18
C GLN A 294 -0.81 13.80 3.68
N LEU A 295 0.17 14.44 3.05
CA LEU A 295 1.23 13.72 2.33
C LEU A 295 2.58 14.28 2.75
N LYS A 296 3.49 13.35 3.03
CA LYS A 296 4.83 13.66 3.49
C LYS A 296 5.80 13.20 2.40
N SER A 297 6.61 14.13 1.89
CA SER A 297 7.49 13.86 0.77
C SER A 297 8.70 13.03 1.18
N GLN A 298 9.53 12.70 0.20
CA GLN A 298 10.74 11.94 0.48
C GLN A 298 11.76 12.81 1.21
N LYS A 299 11.58 14.12 1.20
CA LYS A 299 12.45 15.02 1.98
C LYS A 299 11.82 15.32 3.35
N GLY A 300 10.62 14.78 3.61
CA GLY A 300 10.08 14.86 4.96
C GLY A 300 9.18 16.08 5.19
N SER A 301 8.79 16.81 4.15
CA SER A 301 7.92 17.96 4.33
C SER A 301 6.48 17.61 3.94
N TRP A 302 5.51 18.22 4.63
CA TRP A 302 4.11 17.89 4.47
C TRP A 302 3.41 18.84 3.51
N SER A 303 2.44 18.29 2.82
CA SER A 303 1.43 19.01 2.07
C SER A 303 0.06 18.45 2.44
N SER A 304 -1.01 19.18 2.06
CA SER A 304 -2.35 18.73 2.35
C SER A 304 -3.36 19.20 1.33
N TYR A 305 -4.44 18.42 1.23
CA TYR A 305 -5.49 18.62 0.25
C TYR A 305 -6.82 18.30 0.89
N PRO A 306 -7.95 18.90 0.43
CA PRO A 306 -9.26 18.57 0.99
C PRO A 306 -9.84 17.23 0.57
N ASP A 307 -9.34 16.74 -0.57
CA ASP A 307 -9.76 15.47 -1.13
C ASP A 307 -8.71 15.06 -2.16
N TRP A 308 -8.82 13.83 -2.66
CA TRP A 308 -7.76 13.33 -3.53
C TRP A 308 -7.83 14.05 -4.88
N GLN A 309 -9.04 14.38 -5.34
CA GLN A 309 -9.23 15.04 -6.63
C GLN A 309 -8.41 16.32 -6.70
N ALA A 310 -8.22 17.02 -5.56
CA ALA A 310 -7.45 18.25 -5.52
C ALA A 310 -5.98 18.02 -5.87
N THR A 311 -5.46 16.79 -5.70
CA THR A 311 -4.04 16.55 -6.01
C THR A 311 -3.79 16.70 -7.50
N SER A 312 -4.83 16.47 -8.29
CA SER A 312 -4.75 16.48 -9.75
C SER A 312 -5.14 17.83 -10.34
N LYS A 313 -5.53 18.79 -9.53
CA LYS A 313 -5.87 20.10 -10.06
C LYS A 313 -4.64 20.70 -10.73
N GLY A 314 -4.80 21.06 -12.00
CA GLY A 314 -3.73 21.69 -12.75
C GLY A 314 -2.58 20.74 -13.06
N ALA A 315 -2.82 19.42 -13.05
CA ALA A 315 -1.81 18.48 -13.53
C ALA A 315 -1.34 18.91 -14.93
N VAL A 316 -0.06 18.67 -15.18
CA VAL A 316 0.59 19.01 -16.45
C VAL A 316 0.49 17.79 -17.35
N SER A 317 0.07 18.00 -18.60
CA SER A 317 0.04 16.94 -19.59
C SER A 317 1.28 17.10 -20.48
N TYR A 318 2.18 16.13 -20.44
CA TYR A 318 3.34 16.11 -21.31
C TYR A 318 3.10 15.14 -22.47
N GLY A 319 3.18 15.63 -23.71
CA GLY A 319 3.06 14.75 -24.84
C GLY A 319 4.37 14.03 -25.08
N LEU A 320 4.31 12.71 -25.34
CA LEU A 320 5.48 11.95 -25.66
C LEU A 320 5.86 12.20 -27.13
N THR A 321 7.12 12.50 -27.37
CA THR A 321 7.63 12.67 -28.73
C THR A 321 8.45 11.46 -29.16
N ALA A 322 8.64 11.35 -30.48
CA ALA A 322 9.32 10.21 -31.07
C ALA A 322 10.75 10.17 -30.56
N PRO A 323 11.27 9.04 -30.05
CA PRO A 323 12.66 8.92 -29.66
C PRO A 323 13.59 9.13 -30.86
N SER A 324 14.70 9.84 -30.61
CA SER A 324 15.65 10.17 -31.66
C SER A 324 17.01 10.27 -31.01
N GLY A 325 18.03 10.09 -31.82
CA GLY A 325 19.39 10.20 -31.32
C GLY A 325 20.32 9.30 -32.10
N LEU A 326 21.60 9.66 -32.17
CA LEU A 326 22.58 8.84 -32.87
C LEU A 326 22.93 7.57 -32.11
N LEU A 327 23.11 7.68 -30.81
CA LEU A 327 23.63 6.58 -30.02
C LEU A 327 22.62 6.08 -29.00
N LEU A 328 21.84 7.01 -28.43
CA LEU A 328 20.91 6.69 -27.35
C LEU A 328 19.54 7.26 -27.67
N PRO A 329 18.72 6.60 -28.52
CA PRO A 329 17.42 7.11 -28.92
C PRO A 329 16.57 7.38 -27.67
N THR A 330 16.14 8.63 -27.56
CA THR A 330 15.42 9.13 -26.41
C THR A 330 14.38 10.10 -26.92
N GLY A 331 13.15 10.00 -26.37
CA GLY A 331 12.09 10.92 -26.68
C GLY A 331 12.01 12.03 -25.65
N GLY A 332 11.08 12.93 -25.93
CA GLY A 332 10.81 14.06 -25.05
C GLY A 332 9.45 13.95 -24.37
N LEU A 333 9.35 14.63 -23.23
CA LEU A 333 8.11 14.92 -22.55
C LEU A 333 7.88 16.42 -22.75
N ALA A 334 6.88 16.76 -23.57
CA ALA A 334 6.70 18.10 -24.11
C ALA A 334 5.38 18.69 -23.63
N GLU A 335 5.47 19.59 -22.67
CA GLU A 335 4.30 20.32 -22.18
C GLU A 335 3.75 21.10 -23.37
N HIS A 336 2.48 20.86 -23.75
CA HIS A 336 1.89 21.48 -24.93
C HIS A 336 2.85 21.47 -26.13
N GLY A 337 3.16 20.29 -26.65
CA GLY A 337 2.48 19.09 -26.18
C GLY A 337 2.65 17.85 -27.06
N GLY A 338 3.77 17.67 -27.78
CA GLY A 338 4.12 16.30 -28.18
C GLY A 338 3.96 15.99 -29.67
N GLY A 339 4.26 14.76 -30.06
CA GLY A 339 4.10 14.36 -31.44
C GLY A 339 3.18 13.16 -31.58
N THR A 340 2.58 13.04 -32.74
CA THR A 340 1.75 11.91 -33.04
C THR A 340 2.25 11.28 -34.33
N GLY A 341 1.85 10.03 -34.55
CA GLY A 341 2.06 9.32 -35.80
C GLY A 341 3.40 8.57 -35.88
N TRP A 342 4.19 8.60 -34.80
CA TRP A 342 5.49 7.97 -34.71
C TRP A 342 5.41 6.53 -34.20
N ASN A 343 6.52 5.81 -34.36
CA ASN A 343 6.57 4.44 -33.85
C ASN A 343 7.98 4.11 -33.38
N TYR A 344 8.07 3.38 -32.26
CA TYR A 344 9.34 3.06 -31.68
C TYR A 344 9.31 1.63 -31.15
N ARG A 345 10.16 0.78 -31.71
CA ARG A 345 10.10 -0.64 -31.42
C ARG A 345 11.23 -1.03 -30.46
N ILE A 346 10.87 -1.77 -29.42
CA ILE A 346 11.82 -2.39 -28.47
C ILE A 346 11.67 -3.90 -28.50
N GLY A 347 12.70 -4.60 -28.03
CA GLY A 347 12.58 -6.03 -27.80
C GLY A 347 11.99 -6.28 -26.43
N SER A 348 11.08 -7.27 -26.33
CA SER A 348 10.52 -7.69 -25.05
C SER A 348 11.48 -8.64 -24.35
N GLY A 349 11.37 -8.66 -23.04
CA GLY A 349 12.03 -9.61 -22.17
C GLY A 349 13.50 -9.34 -21.97
N LEU A 350 13.95 -8.10 -22.17
CA LEU A 350 15.34 -7.72 -21.98
C LEU A 350 15.53 -7.00 -20.64
N LEU A 351 16.68 -7.24 -19.99
CA LEU A 351 16.90 -6.65 -18.69
C LEU A 351 17.40 -5.21 -18.84
N THR A 352 16.90 -4.33 -17.98
CA THR A 352 17.38 -2.97 -17.87
C THR A 352 17.63 -2.63 -16.40
N ALA A 353 18.29 -1.50 -16.19
CA ALA A 353 18.52 -0.95 -14.87
C ALA A 353 17.23 -0.47 -14.20
N ALA A 354 16.15 -0.27 -14.98
CA ALA A 354 14.97 0.29 -14.38
C ALA A 354 14.18 -0.79 -13.66
N ASN A 355 14.23 -0.82 -12.33
CA ASN A 355 13.52 -1.81 -11.54
C ASN A 355 12.89 -1.18 -10.30
N SER A 356 11.76 -1.76 -9.88
CA SER A 356 10.97 -1.26 -8.76
C SER A 356 11.63 -1.60 -7.42
N GLY A 357 12.59 -2.52 -7.45
CA GLY A 357 13.20 -3.03 -6.25
C GLY A 357 14.39 -3.89 -6.66
N VAL A 358 15.23 -4.23 -5.69
CA VAL A 358 16.41 -5.04 -5.96
C VAL A 358 16.01 -6.51 -5.82
N ALA A 359 16.78 -7.41 -6.44
CA ALA A 359 16.66 -8.82 -6.12
C ALA A 359 16.79 -8.98 -4.60
N MET A 360 15.84 -9.67 -3.94
CA MET A 360 15.82 -9.73 -2.47
C MET A 360 15.93 -11.17 -1.93
N ALA A 361 16.54 -11.30 -0.73
CA ALA A 361 16.98 -12.57 -0.17
C ALA A 361 15.79 -13.37 0.33
N SER A 362 15.89 -14.70 0.22
CA SER A 362 14.84 -15.62 0.65
C SER A 362 14.55 -15.48 2.14
N GLY A 363 13.26 -15.27 2.49
CA GLY A 363 12.82 -15.17 3.88
C GLY A 363 12.90 -13.76 4.49
N ALA A 364 13.23 -12.73 3.71
CA ALA A 364 13.44 -11.39 4.30
C ALA A 364 12.09 -10.79 4.69
N LEU A 365 12.08 -9.99 5.77
CA LEU A 365 10.85 -9.46 6.32
C LEU A 365 10.81 -7.93 6.22
N GLN A 366 11.54 -7.39 5.25
CA GLN A 366 11.48 -5.96 4.99
C GLN A 366 10.09 -5.58 4.48
N MET A 367 9.43 -4.67 5.18
CA MET A 367 8.02 -4.37 4.95
C MET A 367 7.87 -3.12 4.08
N ILE A 368 8.99 -2.44 3.79
CA ILE A 368 9.03 -1.37 2.82
C ILE A 368 10.14 -1.67 1.83
N ASN A 369 9.95 -1.10 0.68
CA ASN A 369 10.83 -1.28 -0.46
C ASN A 369 11.66 -0.03 -0.72
N LEU A 370 12.97 -0.23 -1.01
CA LEU A 370 13.89 0.88 -1.27
C LEU A 370 14.40 0.70 -2.70
N PRO A 371 13.75 1.30 -3.69
CA PRO A 371 14.08 1.03 -5.08
C PRO A 371 15.52 1.44 -5.36
N PRO A 372 16.25 0.72 -6.23
CA PRO A 372 17.62 1.11 -6.57
C PRO A 372 17.56 2.34 -7.48
N GLY A 373 18.61 3.14 -7.51
CA GLY A 373 18.67 4.19 -8.53
C GLY A 373 18.96 3.55 -9.89
N ALA A 374 18.71 4.29 -10.96
CA ALA A 374 19.02 3.82 -12.32
C ALA A 374 19.76 4.94 -13.05
N TYR A 375 20.88 4.60 -13.67
CA TYR A 375 21.62 5.56 -14.44
C TYR A 375 21.03 5.59 -15.85
N VAL A 376 20.36 6.68 -16.17
CA VAL A 376 19.53 6.73 -17.36
C VAL A 376 20.34 6.45 -18.62
N PRO A 377 21.60 6.91 -18.76
CA PRO A 377 22.33 6.60 -20.00
C PRO A 377 22.63 5.13 -20.23
N PHE A 378 22.50 4.29 -19.17
CA PHE A 378 22.73 2.87 -19.29
C PHE A 378 21.43 2.07 -19.42
N VAL A 379 20.28 2.75 -19.49
CA VAL A 379 19.03 2.08 -19.78
C VAL A 379 18.99 1.73 -21.27
N GLY A 380 19.12 0.41 -21.58
CA GLY A 380 19.28 0.00 -22.96
C GLY A 380 18.09 0.43 -23.83
N ARG A 381 18.38 1.26 -24.85
CA ARG A 381 17.28 1.81 -25.66
C ARG A 381 16.66 0.76 -26.59
N SER A 382 17.31 -0.38 -26.83
CA SER A 382 16.61 -1.42 -27.56
C SER A 382 15.69 -2.25 -26.67
N ALA A 383 15.76 -2.03 -25.35
CA ALA A 383 14.99 -2.76 -24.36
C ALA A 383 13.94 -1.89 -23.66
N ALA A 384 13.94 -0.59 -23.91
CA ALA A 384 13.06 0.35 -23.20
C ALA A 384 12.81 1.60 -24.03
N GLY A 385 11.61 2.13 -23.95
CA GLY A 385 11.39 3.52 -24.36
C GLY A 385 11.76 4.45 -23.23
N VAL A 386 12.45 5.56 -23.55
CA VAL A 386 12.87 6.55 -22.58
C VAL A 386 12.45 7.93 -23.09
N TRP A 387 11.72 8.70 -22.27
CA TRP A 387 11.25 10.05 -22.60
C TRP A 387 11.67 10.97 -21.46
N GLN A 388 12.38 12.06 -21.81
CA GLN A 388 12.93 12.98 -20.83
C GLN A 388 12.24 14.34 -20.95
N GLY A 389 11.89 14.90 -19.81
CA GLY A 389 11.45 16.27 -19.71
C GLY A 389 12.63 17.21 -19.56
N PRO A 390 12.35 18.51 -19.54
CA PRO A 390 13.38 19.54 -19.37
C PRO A 390 13.92 19.66 -17.95
N ILE A 391 15.19 20.08 -17.83
CA ILE A 391 15.79 20.30 -16.51
C ILE A 391 15.14 21.53 -15.88
N GLN A 392 14.61 21.36 -14.66
CA GLN A 392 13.94 22.46 -13.96
C GLN A 392 14.98 23.40 -13.35
N TRP A 393 14.71 24.71 -13.43
CA TRP A 393 15.54 25.73 -12.77
C TRP A 393 14.90 26.20 -11.45
N SER A 394 13.70 25.70 -11.12
CA SER A 394 13.11 25.94 -9.80
C SER A 394 12.49 24.65 -9.28
N ALA A 395 12.41 24.54 -7.95
CA ALA A 395 11.91 23.32 -7.31
C ALA A 395 10.43 23.18 -7.60
N LYS A 396 9.97 21.93 -7.69
CA LYS A 396 8.55 21.61 -7.85
C LYS A 396 8.19 20.46 -6.93
N ARG A 397 6.90 20.25 -6.72
CA ARG A 397 6.48 19.16 -5.85
C ARG A 397 5.44 18.31 -6.56
N LEU A 398 5.67 17.00 -6.60
CA LEU A 398 4.72 16.11 -7.22
C LEU A 398 3.92 15.46 -6.09
N ASP A 399 2.61 15.66 -6.08
CA ASP A 399 1.74 15.04 -5.09
C ASP A 399 0.54 14.45 -5.80
N GLY A 400 0.44 13.14 -5.77
CA GLY A 400 -0.66 12.49 -6.45
C GLY A 400 -0.16 11.28 -7.25
N ALA A 401 -1.04 10.86 -8.17
CA ALA A 401 -0.75 9.70 -9.00
C ALA A 401 -0.57 10.13 -10.44
N PRO A 402 0.64 9.99 -11.02
CA PRO A 402 0.78 10.30 -12.44
C PRO A 402 -0.01 9.28 -13.26
N GLU A 403 -0.35 9.63 -14.50
CA GLU A 403 -1.06 8.75 -15.40
C GLU A 403 -0.36 8.77 -16.74
N VAL A 404 -0.30 7.61 -17.35
CA VAL A 404 0.26 7.48 -18.68
C VAL A 404 -0.78 6.86 -19.61
N ARG A 405 -0.95 7.47 -20.78
CA ARG A 405 -1.64 6.85 -21.87
C ARG A 405 -0.58 6.53 -22.93
N LEU A 406 -0.54 5.27 -23.35
CA LEU A 406 0.47 4.78 -24.27
C LEU A 406 -0.20 3.73 -25.17
N THR A 407 0.14 3.72 -26.45
CA THR A 407 -0.38 2.71 -27.36
C THR A 407 0.75 1.74 -27.70
N VAL A 408 0.45 0.46 -27.57
CA VAL A 408 1.45 -0.58 -27.69
C VAL A 408 0.97 -1.66 -28.65
N THR A 409 1.93 -2.19 -29.40
CA THR A 409 1.67 -3.28 -30.31
C THR A 409 2.66 -4.40 -29.97
N PRO A 410 2.18 -5.51 -29.41
CA PRO A 410 3.04 -6.67 -29.08
C PRO A 410 3.11 -7.62 -30.26
N SER A 411 4.26 -8.29 -30.42
CA SER A 411 4.38 -9.37 -31.38
C SER A 411 4.05 -10.72 -30.77
N ARG A 412 4.00 -10.84 -29.44
CA ARG A 412 3.65 -12.08 -28.78
C ARG A 412 2.30 -11.88 -28.10
N ALA A 413 1.55 -12.96 -27.88
CA ALA A 413 0.28 -12.87 -27.20
C ALA A 413 0.40 -12.46 -25.73
N ASN A 414 1.56 -12.73 -25.12
CA ASN A 414 1.78 -12.41 -23.72
C ASN A 414 2.98 -11.49 -23.53
N THR A 415 2.75 -10.35 -22.87
CA THR A 415 3.79 -9.37 -22.61
C THR A 415 3.42 -8.69 -21.29
N THR A 416 4.41 -8.33 -20.48
CA THR A 416 4.20 -7.41 -19.37
C THR A 416 4.99 -6.15 -19.65
N LEU A 417 4.31 -5.01 -19.44
CA LEU A 417 4.94 -3.71 -19.46
C LEU A 417 5.08 -3.15 -18.05
N TYR A 418 6.12 -2.31 -17.88
CA TYR A 418 6.32 -1.55 -16.67
C TYR A 418 6.64 -0.12 -17.02
N ALA A 419 5.91 0.81 -16.42
CA ALA A 419 6.17 2.22 -16.56
C ALA A 419 6.75 2.78 -15.26
N TYR A 420 7.85 3.53 -15.42
CA TYR A 420 8.57 4.11 -14.32
C TYR A 420 8.71 5.61 -14.52
N LEU A 421 8.48 6.37 -13.44
CA LEU A 421 8.76 7.81 -13.47
C LEU A 421 9.92 8.09 -12.53
N TYR A 422 10.98 8.69 -13.08
CA TYR A 422 12.21 8.98 -12.37
C TYR A 422 12.37 10.49 -12.23
N ALA A 423 12.93 10.89 -11.09
CA ALA A 423 13.59 12.18 -10.95
C ALA A 423 15.02 11.97 -11.37
N GLU A 424 15.38 12.55 -12.50
CA GLU A 424 16.71 12.36 -13.05
C GLU A 424 17.51 13.66 -12.84
N ASP A 425 18.70 13.52 -12.25
CA ASP A 425 19.53 14.70 -12.01
C ASP A 425 20.28 15.05 -13.30
N VAL A 426 21.07 16.12 -13.26
CA VAL A 426 21.74 16.61 -14.46
C VAL A 426 22.74 15.61 -15.04
N LEU A 427 23.31 14.73 -14.18
CA LEU A 427 24.29 13.75 -14.59
C LEU A 427 23.68 12.48 -15.15
N GLY A 428 22.39 12.28 -14.92
CA GLY A 428 21.71 11.10 -15.44
C GLY A 428 21.29 10.12 -14.37
N ASN A 429 21.50 10.43 -13.08
CA ASN A 429 21.14 9.49 -12.03
C ASN A 429 19.66 9.62 -11.73
N GLY A 430 18.89 8.51 -11.83
CA GLY A 430 17.45 8.57 -11.62
C GLY A 430 17.11 7.96 -10.26
N GLN A 431 16.22 8.65 -9.55
CA GLN A 431 15.58 8.13 -8.36
C GLN A 431 14.12 7.82 -8.70
N LEU A 432 13.66 6.59 -8.37
CA LEU A 432 12.32 6.21 -8.79
C LEU A 432 11.27 6.88 -7.94
N ILE A 433 10.33 7.61 -8.58
CA ILE A 433 9.21 8.26 -7.91
C ILE A 433 8.03 7.28 -7.84
N SER A 434 7.72 6.64 -8.96
CA SER A 434 6.52 5.85 -9.07
C SER A 434 6.67 4.83 -10.19
N HIS A 435 5.84 3.77 -10.16
CA HIS A 435 5.85 2.81 -11.25
C HIS A 435 4.50 2.12 -11.31
N LYS A 436 4.27 1.37 -12.38
CA LYS A 436 3.11 0.50 -12.45
C LYS A 436 3.37 -0.59 -13.48
N PRO A 437 2.96 -1.84 -13.17
CA PRO A 437 3.01 -2.94 -14.14
C PRO A 437 1.74 -2.97 -14.95
N TYR A 438 1.77 -3.63 -16.10
CA TYR A 438 0.57 -3.91 -16.87
C TYR A 438 0.78 -5.17 -17.70
N THR A 439 0.04 -6.24 -17.44
CA THR A 439 0.20 -7.47 -18.21
C THR A 439 -0.89 -7.52 -19.28
N LEU A 440 -0.46 -7.77 -20.51
CA LEU A 440 -1.26 -8.09 -21.68
C LEU A 440 -1.16 -9.58 -21.94
N ARG A 441 -2.16 -10.33 -21.49
CA ARG A 441 -2.18 -11.76 -21.71
C ARG A 441 -3.23 -12.09 -22.76
N GLY A 442 -2.89 -12.96 -23.70
CA GLY A 442 -3.82 -13.33 -24.76
C GLY A 442 -4.17 -12.22 -25.73
N ALA A 443 -3.24 -11.27 -25.88
CA ALA A 443 -3.42 -10.22 -26.86
C ALA A 443 -3.20 -10.76 -28.26
N THR A 444 -3.74 -10.04 -29.25
CA THR A 444 -3.56 -10.38 -30.64
C THR A 444 -2.25 -9.81 -31.13
N PRO A 445 -1.25 -10.61 -31.53
CA PRO A 445 -0.05 -10.04 -32.10
C PRO A 445 -0.35 -9.10 -33.27
N GLY A 446 0.34 -7.96 -33.24
CA GLY A 446 0.30 -6.97 -34.29
C GLY A 446 -0.86 -5.98 -34.19
N GLN A 447 -1.69 -6.09 -33.16
CA GLN A 447 -2.82 -5.19 -32.95
C GLN A 447 -2.41 -4.12 -31.93
N ALA A 448 -2.53 -2.84 -32.30
CA ALA A 448 -2.15 -1.75 -31.39
C ALA A 448 -3.28 -1.58 -30.37
N LYS A 449 -2.94 -1.51 -29.09
CA LYS A 449 -3.89 -1.30 -28.00
C LYS A 449 -3.47 -0.04 -27.25
N THR A 450 -4.44 0.87 -27.05
CA THR A 450 -4.19 2.02 -26.21
C THR A 450 -4.47 1.67 -24.75
N LEU A 451 -3.47 1.87 -23.89
CA LEU A 451 -3.53 1.54 -22.48
C LEU A 451 -3.49 2.80 -21.64
N ASP A 452 -4.23 2.77 -20.52
CA ASP A 452 -4.20 3.84 -19.53
C ASP A 452 -3.63 3.30 -18.23
N LEU A 453 -2.46 3.78 -17.83
CA LEU A 453 -1.80 3.27 -16.65
C LEU A 453 -1.84 4.36 -15.59
N ARG A 454 -2.25 4.01 -14.39
CA ARG A 454 -2.17 4.95 -13.30
C ARG A 454 -1.01 4.52 -12.43
N LEU A 455 0.05 5.34 -12.39
CA LEU A 455 1.22 5.00 -11.61
C LEU A 455 0.91 5.16 -10.12
N GLU A 456 1.66 4.46 -9.27
CA GLU A 456 1.39 4.53 -7.84
C GLU A 456 1.56 5.95 -7.31
N ALA A 457 0.68 6.32 -6.39
CA ALA A 457 0.68 7.65 -5.81
C ALA A 457 2.03 7.91 -5.12
N SER A 458 2.46 9.18 -5.11
CA SER A 458 3.70 9.53 -4.44
C SER A 458 3.59 10.98 -3.97
N SER A 459 4.61 11.38 -3.21
CA SER A 459 4.80 12.77 -2.80
C SER A 459 6.30 13.03 -2.89
N TRP A 460 6.73 13.92 -3.81
CA TRP A 460 8.13 13.98 -4.16
C TRP A 460 8.54 15.43 -4.38
N ASN A 461 9.58 15.85 -3.67
CA ASN A 461 10.15 17.19 -3.91
C ASN A 461 11.20 17.04 -5.02
N LEU A 462 10.92 17.62 -6.19
CA LEU A 462 11.84 17.63 -7.33
C LEU A 462 12.67 18.93 -7.26
N PRO A 463 13.97 18.84 -7.04
CA PRO A 463 14.79 20.06 -6.85
C PRO A 463 15.17 20.69 -8.19
N ALA A 464 15.51 21.98 -8.15
CA ALA A 464 16.14 22.59 -9.30
C ALA A 464 17.31 21.72 -9.73
N GLY A 465 17.47 21.60 -11.06
CA GLY A 465 18.55 20.80 -11.59
C GLY A 465 18.11 19.39 -11.99
N SER A 466 16.84 19.05 -11.68
CA SER A 466 16.33 17.73 -12.01
C SER A 466 15.23 17.81 -13.07
N ARG A 467 14.93 16.66 -13.67
CA ARG A 467 13.93 16.54 -14.70
C ARG A 467 13.12 15.28 -14.39
N LEU A 468 11.96 15.20 -15.01
CA LEU A 468 11.17 13.95 -14.98
C LEU A 468 11.53 13.12 -16.20
N THR A 469 11.71 11.83 -15.98
CA THR A 469 12.04 10.90 -17.05
C THR A 469 11.10 9.70 -16.90
N LEU A 470 10.47 9.34 -18.02
CA LEU A 470 9.59 8.18 -18.12
C LEU A 470 10.37 7.06 -18.81
N VAL A 471 10.38 5.88 -18.20
CA VAL A 471 10.95 4.68 -18.81
C VAL A 471 9.83 3.65 -18.92
N VAL A 472 9.69 3.01 -20.09
CA VAL A 472 8.77 1.89 -20.21
C VAL A 472 9.55 0.70 -20.75
N ASP A 473 9.57 -0.39 -19.97
CA ASP A 473 10.23 -1.59 -20.45
C ASP A 473 9.37 -2.80 -20.12
N THR A 474 9.94 -4.03 -20.17
CA THR A 474 9.10 -5.22 -20.20
C THR A 474 9.47 -6.27 -19.14
N VAL A 475 10.35 -5.94 -18.21
CA VAL A 475 10.77 -6.82 -17.12
C VAL A 475 10.97 -6.02 -15.86
N ASP A 476 10.67 -6.63 -14.70
CA ASP A 476 10.97 -6.00 -13.43
C ASP A 476 11.31 -7.10 -12.42
N LEU A 477 12.33 -6.84 -11.59
CA LEU A 477 12.82 -7.83 -10.62
C LEU A 477 11.79 -8.18 -9.54
N ARG A 478 10.75 -7.37 -9.28
CA ARG A 478 9.81 -7.63 -8.20
C ARG A 478 8.51 -8.27 -8.65
N TYR A 479 8.30 -8.48 -9.95
CA TYR A 479 7.03 -8.99 -10.44
C TYR A 479 7.27 -10.24 -11.28
N ALA A 480 6.27 -11.09 -11.37
CA ALA A 480 6.35 -12.27 -12.22
C ALA A 480 5.76 -11.96 -13.60
N GLY A 481 6.46 -11.15 -14.36
CA GLY A 481 6.02 -10.74 -15.69
C GLY A 481 6.17 -11.86 -16.70
N ILE A 482 5.46 -11.74 -17.84
CA ILE A 482 5.37 -12.86 -18.76
C ILE A 482 6.00 -12.52 -20.12
N SER A 483 6.81 -11.48 -20.19
CA SER A 483 7.44 -11.09 -21.44
C SER A 483 8.47 -12.16 -21.87
N GLN A 484 8.59 -12.34 -23.20
CA GLN A 484 9.50 -13.31 -23.80
C GLN A 484 10.59 -12.65 -24.64
N LEU A 485 11.87 -13.00 -24.39
CA LEU A 485 12.97 -12.56 -25.23
C LEU A 485 12.72 -13.12 -26.63
N GLY A 486 12.84 -12.27 -27.65
CA GLY A 486 12.52 -12.62 -29.02
C GLY A 486 11.28 -11.90 -29.51
N GLY A 487 10.44 -11.49 -28.57
CA GLY A 487 9.27 -10.74 -28.93
C GLY A 487 9.62 -9.24 -29.05
N ALA A 488 8.61 -8.46 -29.42
CA ALA A 488 8.77 -7.03 -29.63
C ALA A 488 7.54 -6.30 -29.07
N VAL A 489 7.77 -5.01 -28.75
CA VAL A 489 6.70 -4.09 -28.46
C VAL A 489 6.98 -2.83 -29.28
N THR A 490 5.96 -2.31 -29.96
CA THR A 490 6.11 -1.04 -30.66
C THR A 490 5.21 -0.04 -29.98
N PHE A 491 5.81 1.09 -29.60
CA PHE A 491 5.09 2.21 -29.02
C PHE A 491 4.63 3.10 -30.16
N THR A 492 3.40 3.61 -30.05
CA THR A 492 2.88 4.59 -31.00
C THR A 492 2.16 5.72 -30.26
N SER A 493 1.73 6.74 -31.01
CA SER A 493 1.00 7.88 -30.49
C SER A 493 0.00 8.34 -31.54
N PRO A 494 -1.12 7.61 -31.63
CA PRO A 494 -2.12 7.91 -32.66
C PRO A 494 -2.76 9.27 -32.41
N ALA A 495 -3.06 9.97 -33.51
CA ALA A 495 -3.62 11.33 -33.39
C ALA A 495 -4.91 11.35 -32.58
N ASN A 496 -5.68 10.29 -32.72
CA ASN A 496 -6.95 10.11 -32.05
C ASN A 496 -6.82 9.90 -30.53
N ALA A 497 -5.64 9.43 -30.08
CA ALA A 497 -5.43 9.09 -28.67
C ALA A 497 -3.96 9.23 -28.34
N PRO A 498 -3.42 10.46 -28.28
CA PRO A 498 -1.97 10.64 -28.19
C PRO A 498 -1.45 10.07 -26.89
N SER A 499 -0.20 9.64 -26.95
CA SER A 499 0.54 9.15 -25.81
C SER A 499 0.99 10.36 -24.98
N VAL A 500 0.63 10.32 -23.70
CA VAL A 500 0.71 11.47 -22.82
C VAL A 500 0.99 11.00 -21.39
N LEU A 501 1.89 11.74 -20.70
CA LEU A 501 2.12 11.58 -19.28
C LEU A 501 1.51 12.76 -18.54
N LYS A 502 0.55 12.51 -17.64
CA LYS A 502 -0.01 13.57 -16.82
C LYS A 502 0.60 13.51 -15.44
N VAL A 503 1.09 14.64 -14.96
CA VAL A 503 1.86 14.68 -13.73
C VAL A 503 1.27 15.74 -12.80
N PRO A 504 0.95 15.40 -11.53
CA PRO A 504 0.33 16.35 -10.62
C PRO A 504 1.41 17.17 -9.90
N LEU A 505 1.87 18.22 -10.54
CA LEU A 505 2.87 19.13 -9.99
C LEU A 505 2.22 20.29 -9.26
N HIS A 506 2.94 20.79 -8.24
CA HIS A 506 2.45 21.86 -7.37
C HIS A 506 3.59 22.86 -7.08
#